data_5TWZ
#
_entry.id   5TWZ
#
_cell.length_a   101.970
_cell.length_b   101.970
_cell.length_c   62.580
_cell.angle_alpha   90.000
_cell.angle_beta   90.000
_cell.angle_gamma   120.000
#
_symmetry.space_group_name_H-M   'P 31 2 1'
#
loop_
_entity.id
_entity.type
_entity.pdbx_description
1 polymer 'Maternal embryonic leucine zipper kinase'
2 non-polymer 7-{[2-methoxy-4-(1H-pyrazol-4-yl)benzoyl]amino}-2,3,4,5-tetrahydro-1H-3-benzazepinium
3 water water
#
_entity_poly.entity_id   1
_entity_poly.type   'polypeptide(L)'
_entity_poly.pdbx_seq_one_letter_code
;GSKDYDELLKYYELHETIGTGGFAKVKLACHILTGEMVAIKIMDKNTLGSDLPRIKTEIEALKNLRHQHICQLYHVLETA
NKIFMVLEYCPGGELFDYIISQDRLSEEETRVVFRQIVSAVAYVHSQGYAHRDLKPENLLFDEYHKLKLIDFGLCAKPKG
NKDYHLQTCCGSLAYAAPELIQGKSYLGSEADVWSMGILLYVLMCGFLPFDDDNVMALYKKIMRGKYDVPKWLSPSSILL
LQQMLQVDPKKRISMKNLLNHPWIMQDYNYPVEWQSKNPFIHLDDDCVTELSVHHRNNRQTMEDLISLWQYDHLTATYLL
LLAKKARGKPVRLRLSSFSCG
;
_entity_poly.pdbx_strand_id   A
#
loop_
_chem_comp.id
_chem_comp.type
_chem_comp.name
_chem_comp.formula
45R non-polymer 7-{[2-methoxy-4-(1H-pyrazol-4-yl)benzoyl]amino}-2,3,4,5-tetrahydro-1H-3-benzazepinium 'C21 H23 N4 O2 1'
#
# COMPACT_ATOMS: atom_id res chain seq x y z
N SER A 2 24.08 11.92 11.96
CA SER A 2 24.19 11.21 13.23
C SER A 2 23.31 11.85 14.29
N LYS A 3 23.30 13.18 14.33
CA LYS A 3 22.44 13.89 15.28
C LYS A 3 20.97 13.72 14.95
N ASP A 4 20.65 13.43 13.68
CA ASP A 4 19.27 13.23 13.27
C ASP A 4 18.68 11.97 13.89
N TYR A 5 19.50 10.96 14.14
CA TYR A 5 19.08 9.71 14.75
C TYR A 5 18.94 9.82 16.27
N ASP A 6 19.42 10.90 16.88
CA ASP A 6 19.42 10.99 18.34
C ASP A 6 18.01 10.86 18.89
N GLU A 7 17.07 11.66 18.38
CA GLU A 7 15.71 11.61 18.91
C GLU A 7 15.01 10.30 18.56
N LEU A 8 15.44 9.63 17.51
CA LEU A 8 14.77 8.41 17.07
C LEU A 8 15.27 7.15 17.78
N LEU A 9 16.58 7.04 18.00
CA LEU A 9 17.11 5.85 18.66
C LEU A 9 16.60 5.70 20.09
N LYS A 10 15.95 6.74 20.64
CA LYS A 10 15.25 6.59 21.91
C LYS A 10 13.96 5.81 21.76
N TYR A 11 13.44 5.68 20.54
CA TYR A 11 12.19 4.96 20.31
C TYR A 11 12.37 3.63 19.59
N TYR A 12 13.48 3.42 18.88
CA TYR A 12 13.68 2.20 18.13
C TYR A 12 15.14 1.75 18.25
N GLU A 13 15.35 0.45 18.03
CA GLU A 13 16.69 -0.14 17.91
C GLU A 13 16.84 -0.68 16.50
N LEU A 14 17.89 -0.25 15.80
CA LEU A 14 18.01 -0.46 14.37
C LEU A 14 18.63 -1.82 14.04
N HIS A 15 18.24 -2.37 12.89
CA HIS A 15 18.73 -3.66 12.42
C HIS A 15 19.23 -3.59 10.98
N GLU A 16 18.75 -4.49 10.12
CA GLU A 16 19.29 -4.62 8.77
C GLU A 16 18.88 -3.42 7.90
N THR A 17 19.35 -3.44 6.66
CA THR A 17 19.04 -2.42 5.67
C THR A 17 18.66 -3.13 4.37
N ILE A 18 17.55 -2.71 3.75
CA ILE A 18 16.99 -3.48 2.65
C ILE A 18 16.87 -2.67 1.36
N GLY A 19 15.90 -1.75 1.31
CA GLY A 19 15.49 -1.16 0.06
C GLY A 19 16.24 0.11 -0.30
N THR A 20 16.40 0.33 -1.60
CA THR A 20 17.07 1.51 -2.12
C THR A 20 16.20 2.24 -3.14
N ALA A 24 15.22 6.24 -1.40
CA ALA A 24 15.20 6.30 0.06
C ALA A 24 15.51 4.94 0.68
N LYS A 25 16.24 4.95 1.79
CA LYS A 25 16.66 3.73 2.46
C LYS A 25 15.62 3.26 3.47
N VAL A 26 15.55 1.96 3.66
CA VAL A 26 14.66 1.33 4.64
C VAL A 26 15.48 0.38 5.50
N LYS A 27 15.37 0.54 6.81
CA LYS A 27 16.09 -0.29 7.78
C LYS A 27 15.10 -0.93 8.74
N LEU A 28 15.29 -2.22 9.00
CA LEU A 28 14.48 -2.90 9.99
C LEU A 28 14.82 -2.40 11.39
N ALA A 29 13.81 -2.40 12.27
CA ALA A 29 14.00 -1.91 13.63
C ALA A 29 13.02 -2.59 14.58
N CYS A 30 13.28 -2.45 15.88
CA CYS A 30 12.41 -2.96 16.93
C CYS A 30 11.98 -1.81 17.82
N HIS A 31 10.68 -1.55 17.86
CA HIS A 31 10.12 -0.57 18.80
C HIS A 31 10.32 -1.05 20.23
N ILE A 32 11.01 -0.24 21.04
CA ILE A 32 11.48 -0.73 22.35
C ILE A 32 10.32 -1.15 23.23
N LEU A 33 9.35 -0.25 23.45
CA LEU A 33 8.39 -0.46 24.54
C LEU A 33 7.42 -1.61 24.27
N THR A 34 7.18 -1.96 23.00
CA THR A 34 6.32 -3.08 22.68
C THR A 34 7.05 -4.32 22.18
N GLY A 35 8.30 -4.18 21.76
CA GLY A 35 9.02 -5.30 21.17
C GLY A 35 8.56 -5.71 19.80
N GLU A 36 7.74 -4.90 19.13
CA GLU A 36 7.23 -5.23 17.80
C GLU A 36 8.22 -4.77 16.74
N MET A 37 8.49 -5.62 15.76
CA MET A 37 9.36 -5.26 14.66
C MET A 37 8.64 -4.31 13.70
N VAL A 38 9.40 -3.40 13.10
CA VAL A 38 8.86 -2.42 12.16
C VAL A 38 9.85 -2.25 11.01
N ALA A 39 9.41 -1.49 10.01
CA ALA A 39 10.28 -1.03 8.94
C ALA A 39 10.28 0.49 8.98
N ILE A 40 11.47 1.08 8.91
CA ILE A 40 11.64 2.52 8.98
C ILE A 40 12.18 3.01 7.64
N LYS A 41 11.38 3.81 6.95
CA LYS A 41 11.80 4.39 5.68
C LYS A 41 12.46 5.75 5.95
N ILE A 42 13.66 5.91 5.44
CA ILE A 42 14.50 7.08 5.72
C ILE A 42 14.66 7.86 4.43
N MET A 43 14.13 9.08 4.42
CA MET A 43 14.34 10.01 3.33
C MET A 43 15.22 11.17 3.80
N ASP A 44 16.05 11.69 2.89
CA ASP A 44 16.97 12.78 3.18
C ASP A 44 16.42 14.07 2.61
N LYS A 45 16.31 15.09 3.44
CA LYS A 45 15.64 16.32 3.02
C LYS A 45 16.44 17.11 2.00
N ASN A 46 17.77 16.94 1.96
CA ASN A 46 18.58 17.77 1.07
C ASN A 46 18.69 17.22 -0.35
N THR A 47 18.39 15.93 -0.56
CA THR A 47 18.51 15.36 -1.90
C THR A 47 17.30 15.70 -2.77
N LEU A 48 16.11 15.37 -2.29
CA LEU A 48 14.88 15.49 -3.07
C LEU A 48 14.57 16.94 -3.44
N GLY A 49 15.27 17.91 -2.85
CA GLY A 49 14.89 19.27 -3.14
C GLY A 49 13.53 19.52 -2.51
N SER A 50 12.85 20.54 -3.04
CA SER A 50 11.53 20.93 -2.51
C SER A 50 10.38 20.25 -3.24
N ASP A 51 10.50 18.95 -3.55
CA ASP A 51 9.34 18.14 -3.90
C ASP A 51 8.95 17.21 -2.76
N LEU A 52 9.38 17.54 -1.54
CA LEU A 52 8.86 16.92 -0.32
C LEU A 52 7.41 17.30 -0.07
N PRO A 53 6.92 18.51 -0.43
CA PRO A 53 5.49 18.79 -0.19
C PRO A 53 4.55 17.81 -0.88
N ARG A 54 4.95 17.26 -2.02
CA ARG A 54 4.18 16.16 -2.61
C ARG A 54 4.29 14.90 -1.77
N ILE A 55 5.46 14.67 -1.16
CA ILE A 55 5.62 13.52 -0.28
C ILE A 55 4.94 13.79 1.06
N LYS A 56 5.05 15.02 1.57
CA LYS A 56 4.37 15.36 2.82
C LYS A 56 2.86 15.20 2.70
N THR A 57 2.28 15.64 1.58
CA THR A 57 0.85 15.48 1.37
C THR A 57 0.47 14.03 1.09
N GLU A 58 1.43 13.18 0.69
CA GLU A 58 1.19 11.75 0.58
C GLU A 58 1.40 11.05 1.91
N ILE A 59 2.24 11.61 2.79
CA ILE A 59 2.32 11.14 4.16
C ILE A 59 1.02 11.45 4.89
N GLU A 60 0.46 12.64 4.65
CA GLU A 60 -0.85 12.97 5.22
C GLU A 60 -1.95 12.09 4.64
N ALA A 61 -1.73 11.55 3.44
CA ALA A 61 -2.64 10.54 2.90
C ALA A 61 -2.60 9.28 3.76
N LEU A 62 -1.43 8.64 3.84
CA LEU A 62 -1.28 7.42 4.64
C LEU A 62 -1.82 7.61 6.06
N LYS A 63 -1.70 8.83 6.61
CA LYS A 63 -2.28 9.11 7.91
C LYS A 63 -3.80 8.93 7.92
N ASN A 64 -4.45 8.88 6.76
CA ASN A 64 -5.90 8.75 6.68
C ASN A 64 -6.35 7.45 6.03
N LEU A 65 -5.43 6.58 5.64
CA LEU A 65 -5.77 5.24 5.17
C LEU A 65 -5.29 4.23 6.20
N ARG A 66 -6.21 3.38 6.66
CA ARG A 66 -5.86 2.23 7.49
C ARG A 66 -6.66 1.05 6.99
N HIS A 67 -5.96 -0.02 6.63
CA HIS A 67 -6.59 -1.12 5.92
C HIS A 67 -5.72 -2.36 6.03
N GLN A 68 -6.39 -3.50 6.12
CA GLN A 68 -5.70 -4.79 6.19
C GLN A 68 -4.74 -5.00 5.03
N HIS A 69 -4.96 -4.35 3.89
CA HIS A 69 -4.06 -4.50 2.74
C HIS A 69 -3.38 -3.20 2.35
N ILE A 70 -3.31 -2.24 3.26
CA ILE A 70 -2.45 -1.07 3.12
C ILE A 70 -1.39 -1.14 4.20
N CYS A 71 -0.14 -0.95 3.82
CA CYS A 71 0.94 -0.94 4.79
C CYS A 71 0.74 0.21 5.76
N GLN A 72 0.61 -0.12 7.04
CA GLN A 72 0.25 0.88 8.03
C GLN A 72 1.40 1.83 8.33
N LEU A 73 1.08 3.12 8.45
CA LEU A 73 2.01 4.10 8.98
C LEU A 73 1.83 4.19 10.49
N TYR A 74 2.95 4.19 11.22
CA TYR A 74 2.92 4.20 12.67
C TYR A 74 3.39 5.50 13.28
N HIS A 75 4.28 6.22 12.61
CA HIS A 75 5.11 7.23 13.26
C HIS A 75 5.88 8.04 12.23
N VAL A 76 5.73 9.35 12.24
CA VAL A 76 6.51 10.22 11.37
C VAL A 76 7.39 11.09 12.26
N LEU A 77 8.71 10.98 12.06
CA LEU A 77 9.70 11.66 12.86
C LEU A 77 10.52 12.55 11.93
N GLU A 78 10.35 13.86 12.05
CA GLU A 78 11.03 14.83 11.18
C GLU A 78 12.11 15.56 11.98
N THR A 79 13.33 15.54 11.44
CA THR A 79 14.48 16.14 12.06
C THR A 79 15.00 17.30 11.20
N ALA A 80 16.26 17.69 11.41
CA ALA A 80 16.80 18.81 10.66
C ALA A 80 16.87 18.50 9.17
N ASN A 81 17.51 17.38 8.80
CA ASN A 81 17.72 17.07 7.40
C ASN A 81 17.46 15.60 7.13
N LYS A 82 16.39 15.05 7.69
CA LYS A 82 15.95 13.70 7.39
C LYS A 82 14.51 13.57 7.87
N ILE A 83 13.75 12.71 7.19
CA ILE A 83 12.39 12.40 7.61
C ILE A 83 12.31 10.88 7.78
N PHE A 84 11.72 10.46 8.89
CA PHE A 84 11.60 9.04 9.23
C PHE A 84 10.13 8.65 9.19
N MET A 85 9.85 7.54 8.52
CA MET A 85 8.52 6.95 8.49
C MET A 85 8.62 5.52 9.00
N VAL A 86 7.91 5.23 10.09
CA VAL A 86 7.88 3.91 10.69
C VAL A 86 6.62 3.21 10.20
N LEU A 87 6.79 2.04 9.59
CA LEU A 87 5.73 1.36 8.85
C LEU A 87 5.61 -0.09 9.29
N GLU A 88 4.64 -0.77 8.67
CA GLU A 88 4.27 -2.11 9.07
C GLU A 88 5.31 -3.12 8.60
N TYR A 89 5.59 -4.11 9.44
CA TYR A 89 6.60 -5.12 9.13
C TYR A 89 6.04 -6.07 8.08
N CYS A 90 6.63 -6.05 6.88
CA CYS A 90 6.22 -6.91 5.76
C CYS A 90 7.36 -7.82 5.36
N PRO A 91 7.50 -8.99 6.00
CA PRO A 91 8.65 -9.87 5.74
C PRO A 91 8.45 -10.90 4.64
N GLY A 92 7.29 -10.95 3.99
CA GLY A 92 7.05 -11.96 2.98
C GLY A 92 7.64 -11.68 1.62
N GLY A 93 8.36 -10.57 1.46
CA GLY A 93 8.95 -10.21 0.19
C GLY A 93 8.10 -9.22 -0.58
N GLU A 94 8.48 -9.05 -1.84
CA GLU A 94 7.80 -8.14 -2.74
C GLU A 94 7.02 -8.93 -3.79
N LEU A 95 5.90 -8.35 -4.24
CA LEU A 95 5.06 -9.02 -5.22
C LEU A 95 5.77 -9.14 -6.56
N PHE A 96 6.59 -8.14 -6.91
CA PHE A 96 7.28 -8.18 -8.20
C PHE A 96 8.25 -9.36 -8.25
N ASP A 97 9.16 -9.44 -7.28
CA ASP A 97 10.14 -10.53 -7.29
C ASP A 97 9.47 -11.88 -7.21
N TYR A 98 8.33 -11.98 -6.53
CA TYR A 98 7.60 -13.24 -6.43
C TYR A 98 7.08 -13.69 -7.78
N ILE A 99 6.51 -12.76 -8.55
CA ILE A 99 6.04 -13.08 -9.91
C ILE A 99 7.19 -13.59 -10.77
N ILE A 100 8.37 -13.00 -10.63
CA ILE A 100 9.50 -13.42 -11.44
C ILE A 100 10.01 -14.79 -11.01
N SER A 101 9.93 -15.10 -9.72
CA SER A 101 10.43 -16.39 -9.25
C SER A 101 9.57 -17.54 -9.74
N GLN A 102 8.28 -17.30 -9.96
CA GLN A 102 7.36 -18.30 -10.47
C GLN A 102 7.13 -18.15 -11.98
N ASP A 103 7.84 -17.22 -12.62
CA ASP A 103 7.61 -16.80 -14.00
C ASP A 103 6.22 -16.20 -14.15
N ARG A 104 5.18 -17.00 -13.95
CA ARG A 104 3.81 -16.53 -13.89
C ARG A 104 3.09 -17.27 -12.78
N LEU A 105 2.00 -16.67 -12.29
CA LEU A 105 1.18 -17.30 -11.28
C LEU A 105 -0.07 -17.90 -11.92
N SER A 106 -0.61 -18.92 -11.27
CA SER A 106 -1.84 -19.55 -11.71
C SER A 106 -2.97 -18.52 -11.79
N GLU A 107 -4.06 -18.90 -12.46
CA GLU A 107 -5.22 -18.03 -12.51
C GLU A 107 -5.89 -17.92 -11.15
N GLU A 108 -5.85 -19.01 -10.36
CA GLU A 108 -6.49 -19.03 -9.04
C GLU A 108 -5.64 -18.34 -7.97
N GLU A 109 -4.31 -18.41 -8.07
CA GLU A 109 -3.47 -17.65 -7.15
C GLU A 109 -3.57 -16.15 -7.42
N THR A 110 -3.49 -15.77 -8.70
CA THR A 110 -3.67 -14.35 -9.05
C THR A 110 -5.02 -13.84 -8.59
N ARG A 111 -6.07 -14.64 -8.77
CA ARG A 111 -7.40 -14.24 -8.34
C ARG A 111 -7.42 -13.95 -6.84
N VAL A 112 -6.93 -14.90 -6.04
CA VAL A 112 -6.78 -14.67 -4.59
C VAL A 112 -6.04 -13.36 -4.35
N VAL A 113 -4.93 -13.16 -5.05
CA VAL A 113 -4.05 -12.02 -4.80
C VAL A 113 -4.64 -10.73 -5.37
N PHE A 114 -5.26 -10.81 -6.56
CA PHE A 114 -5.89 -9.64 -7.14
C PHE A 114 -7.03 -9.13 -6.28
N ARG A 115 -7.73 -10.03 -5.57
CA ARG A 115 -8.84 -9.61 -4.72
C ARG A 115 -8.37 -8.78 -3.54
N GLN A 116 -7.16 -9.01 -3.05
CA GLN A 116 -6.65 -8.15 -1.98
C GLN A 116 -6.27 -6.78 -2.52
N ILE A 117 -5.86 -6.72 -3.78
CA ILE A 117 -5.52 -5.45 -4.40
C ILE A 117 -6.77 -4.61 -4.59
N VAL A 118 -7.81 -5.21 -5.18
CA VAL A 118 -9.09 -4.52 -5.33
C VAL A 118 -9.62 -4.07 -3.98
N SER A 119 -9.44 -4.89 -2.94
CA SER A 119 -9.89 -4.50 -1.62
C SER A 119 -9.15 -3.25 -1.15
N ALA A 120 -7.83 -3.24 -1.29
CA ALA A 120 -7.05 -2.07 -0.88
C ALA A 120 -7.45 -0.85 -1.69
N VAL A 121 -7.43 -0.96 -3.01
CA VAL A 121 -7.65 0.21 -3.87
C VAL A 121 -9.09 0.70 -3.75
N ALA A 122 -10.05 -0.22 -3.60
CA ALA A 122 -11.42 0.23 -3.40
C ALA A 122 -11.54 1.04 -2.12
N TYR A 123 -10.86 0.61 -1.06
CA TYR A 123 -10.92 1.34 0.19
C TYR A 123 -10.34 2.74 0.06
N VAL A 124 -9.21 2.89 -0.65
CA VAL A 124 -8.61 4.22 -0.74
C VAL A 124 -9.51 5.14 -1.55
N HIS A 125 -10.29 4.60 -2.49
CA HIS A 125 -11.19 5.46 -3.26
C HIS A 125 -12.35 5.93 -2.40
N SER A 126 -12.88 5.06 -1.53
CA SER A 126 -13.99 5.46 -0.67
C SER A 126 -13.60 6.63 0.23
N GLN A 127 -12.32 6.79 0.53
CA GLN A 127 -11.84 7.90 1.33
C GLN A 127 -11.54 9.15 0.51
N GLY A 128 -11.70 9.08 -0.81
CA GLY A 128 -11.46 10.23 -1.66
C GLY A 128 -10.04 10.37 -2.17
N TYR A 129 -9.27 9.30 -2.19
CA TYR A 129 -7.87 9.32 -2.65
C TYR A 129 -7.73 8.44 -3.89
N ALA A 130 -6.51 8.44 -4.45
CA ALA A 130 -6.17 7.58 -5.58
C ALA A 130 -4.68 7.33 -5.55
N HIS A 131 -4.28 6.06 -5.69
CA HIS A 131 -2.88 5.71 -5.52
C HIS A 131 -2.03 6.22 -6.67
N ARG A 132 -2.51 6.08 -7.90
CA ARG A 132 -1.93 6.70 -9.10
C ARG A 132 -0.56 6.15 -9.44
N ASP A 133 -0.08 5.13 -8.72
CA ASP A 133 1.21 4.53 -9.02
C ASP A 133 1.13 3.03 -8.72
N LEU A 134 0.08 2.38 -9.19
CA LEU A 134 -0.11 0.96 -8.95
C LEU A 134 0.82 0.14 -9.83
N LYS A 135 1.71 -0.62 -9.21
CA LYS A 135 2.65 -1.49 -9.89
C LYS A 135 3.08 -2.56 -8.91
N PRO A 136 3.57 -3.71 -9.41
CA PRO A 136 3.91 -4.81 -8.49
C PRO A 136 5.04 -4.49 -7.52
N GLU A 137 5.92 -3.51 -7.83
CA GLU A 137 6.95 -3.14 -6.86
C GLU A 137 6.39 -2.30 -5.73
N ASN A 138 5.13 -1.89 -5.81
CA ASN A 138 4.44 -1.18 -4.74
C ASN A 138 3.51 -2.09 -3.95
N LEU A 139 3.78 -3.38 -3.94
CA LEU A 139 2.95 -4.33 -3.20
C LEU A 139 3.88 -5.28 -2.45
N LEU A 140 3.68 -5.39 -1.14
CA LEU A 140 4.48 -6.22 -0.27
C LEU A 140 3.65 -7.40 0.23
N PHE A 141 4.35 -8.48 0.59
CA PHE A 141 3.76 -9.60 1.31
C PHE A 141 4.16 -9.53 2.77
N ASP A 142 3.22 -9.84 3.67
CA ASP A 142 3.58 -10.05 5.06
C ASP A 142 3.86 -11.54 5.28
N GLU A 143 3.93 -11.95 6.55
CA GLU A 143 4.25 -13.34 6.86
C GLU A 143 3.17 -14.29 6.36
N TYR A 144 1.93 -13.83 6.31
CA TYR A 144 0.79 -14.62 5.89
C TYR A 144 0.60 -14.61 4.39
N HIS A 145 1.57 -14.08 3.64
CA HIS A 145 1.45 -13.89 2.19
C HIS A 145 0.24 -13.03 1.84
N LYS A 146 -0.15 -12.13 2.74
CA LYS A 146 -1.16 -11.14 2.43
C LYS A 146 -0.51 -9.90 1.84
N LEU A 147 -1.22 -9.23 0.95
CA LEU A 147 -0.66 -8.09 0.24
C LEU A 147 -0.80 -6.81 1.03
N LYS A 148 0.22 -5.95 0.94
CA LYS A 148 0.25 -4.66 1.61
C LYS A 148 0.67 -3.61 0.59
N LEU A 149 -0.21 -2.64 0.34
CA LEU A 149 0.05 -1.57 -0.62
C LEU A 149 0.93 -0.49 0.01
N ILE A 150 1.91 0.00 -0.75
CA ILE A 150 2.91 0.95 -0.28
C ILE A 150 3.10 2.07 -1.32
N ASP A 151 3.91 3.05 -0.94
CA ASP A 151 4.40 4.15 -1.79
C ASP A 151 3.26 4.85 -2.53
N PHE A 152 2.56 5.69 -1.77
CA PHE A 152 1.56 6.59 -2.35
C PHE A 152 2.27 7.80 -2.94
N GLY A 153 2.13 8.00 -4.25
CA GLY A 153 2.81 9.09 -4.94
C GLY A 153 1.88 9.85 -5.86
N GLY A 171 8.50 8.68 -12.66
CA GLY A 171 7.54 8.30 -13.68
C GLY A 171 7.66 6.86 -14.13
N SER A 172 6.64 6.05 -13.83
CA SER A 172 6.58 4.63 -14.18
C SER A 172 5.61 4.46 -15.34
N LEU A 173 6.16 4.40 -16.56
CA LEU A 173 5.36 4.58 -17.78
C LEU A 173 4.52 3.35 -18.14
N ALA A 174 5.03 2.14 -17.90
CA ALA A 174 4.37 0.94 -18.40
C ALA A 174 3.03 0.66 -17.73
N TYR A 175 2.71 1.35 -16.64
CA TYR A 175 1.48 1.16 -15.89
C TYR A 175 0.56 2.37 -15.93
N ALA A 176 0.93 3.43 -16.64
CA ALA A 176 0.15 4.65 -16.64
C ALA A 176 -1.01 4.58 -17.63
N ALA A 177 -2.18 5.00 -17.17
CA ALA A 177 -3.36 5.07 -18.03
C ALA A 177 -3.10 6.02 -19.20
N PRO A 178 -3.73 5.75 -20.35
CA PRO A 178 -3.44 6.57 -21.55
C PRO A 178 -3.88 8.01 -21.43
N GLU A 179 -4.97 8.31 -20.72
CA GLU A 179 -5.31 9.72 -20.56
C GLU A 179 -4.32 10.42 -19.63
N LEU A 180 -3.72 9.66 -18.70
CA LEU A 180 -2.55 10.17 -17.99
C LEU A 180 -1.38 10.37 -18.94
N ILE A 181 -1.32 9.55 -20.00
CA ILE A 181 -0.21 9.65 -20.96
C ILE A 181 -0.33 10.93 -21.78
N GLN A 182 -1.51 11.19 -22.35
CA GLN A 182 -1.68 12.40 -23.14
C GLN A 182 -1.62 13.67 -22.30
N GLY A 183 -1.55 13.55 -20.99
CA GLY A 183 -1.64 14.73 -20.13
C GLY A 183 -3.02 15.36 -20.11
N LYS A 184 -4.05 14.58 -20.41
CA LYS A 184 -5.43 15.07 -20.40
C LYS A 184 -5.98 15.05 -18.97
N SER A 185 -7.25 15.43 -18.83
CA SER A 185 -7.89 15.43 -17.53
C SER A 185 -8.45 14.05 -17.22
N TYR A 186 -8.10 13.52 -16.05
CA TYR A 186 -8.43 12.15 -15.70
C TYR A 186 -9.08 12.09 -14.32
N LEU A 187 -9.79 11.00 -14.09
CA LEU A 187 -10.27 10.65 -12.76
C LEU A 187 -9.23 9.73 -12.11
N GLY A 188 -8.87 10.04 -10.87
CA GLY A 188 -7.90 9.21 -10.18
C GLY A 188 -8.31 7.75 -10.13
N SER A 189 -9.62 7.50 -9.94
CA SER A 189 -10.09 6.12 -9.77
C SER A 189 -9.88 5.32 -11.05
N GLU A 190 -10.31 5.86 -12.19
CA GLU A 190 -10.17 5.14 -13.45
C GLU A 190 -8.71 4.91 -13.82
N ALA A 191 -7.81 5.81 -13.43
CA ALA A 191 -6.40 5.60 -13.72
C ALA A 191 -5.86 4.40 -12.95
N ASP A 192 -6.24 4.28 -11.67
CA ASP A 192 -5.92 3.09 -10.89
C ASP A 192 -6.52 1.83 -11.52
N VAL A 193 -7.75 1.94 -12.04
CA VAL A 193 -8.40 0.79 -12.65
C VAL A 193 -7.60 0.28 -13.84
N TRP A 194 -7.15 1.21 -14.69
CA TRP A 194 -6.24 0.83 -15.77
C TRP A 194 -4.97 0.18 -15.21
N SER A 195 -4.35 0.83 -14.22
CA SER A 195 -3.12 0.29 -13.65
C SER A 195 -3.34 -1.12 -13.11
N MET A 196 -4.47 -1.35 -12.44
CA MET A 196 -4.78 -2.71 -12.00
C MET A 196 -4.94 -3.66 -13.18
N GLY A 197 -5.44 -3.16 -14.30
CA GLY A 197 -5.56 -3.99 -15.48
C GLY A 197 -4.22 -4.38 -16.05
N ILE A 198 -3.30 -3.41 -16.16
CA ILE A 198 -1.92 -3.73 -16.54
C ILE A 198 -1.34 -4.73 -15.57
N LEU A 199 -1.60 -4.55 -14.28
CA LEU A 199 -0.99 -5.37 -13.25
C LEU A 199 -1.60 -6.77 -13.22
N LEU A 200 -2.90 -6.88 -13.50
CA LEU A 200 -3.52 -8.18 -13.65
C LEU A 200 -2.88 -8.97 -14.78
N TYR A 201 -2.57 -8.29 -15.88
CA TYR A 201 -1.87 -8.93 -16.99
C TYR A 201 -0.54 -9.51 -16.53
N VAL A 202 0.25 -8.72 -15.81
CA VAL A 202 1.57 -9.18 -15.38
C VAL A 202 1.45 -10.36 -14.43
N LEU A 203 0.39 -10.38 -13.61
CA LEU A 203 0.22 -11.47 -12.65
C LEU A 203 0.09 -12.81 -13.36
N MET A 204 -0.69 -12.86 -14.43
CA MET A 204 -0.96 -14.12 -15.10
C MET A 204 -0.01 -14.41 -16.26
N CYS A 205 0.79 -13.44 -16.69
CA CYS A 205 1.70 -13.62 -17.82
C CYS A 205 3.17 -13.58 -17.43
N GLY A 206 3.56 -12.67 -16.54
CA GLY A 206 4.97 -12.49 -16.23
C GLY A 206 5.69 -11.51 -17.12
N PHE A 207 4.97 -10.75 -17.95
CA PHE A 207 5.55 -9.71 -18.78
C PHE A 207 4.50 -8.66 -19.06
N LEU A 208 4.96 -7.46 -19.39
CA LEU A 208 4.08 -6.32 -19.54
C LEU A 208 3.18 -6.47 -20.75
N PRO A 209 1.95 -5.94 -20.69
CA PRO A 209 1.12 -5.92 -21.90
C PRO A 209 1.63 -4.97 -22.97
N PHE A 210 2.08 -3.78 -22.56
CA PHE A 210 2.68 -2.81 -23.47
C PHE A 210 4.12 -2.60 -23.02
N ASP A 211 5.06 -2.96 -23.89
CA ASP A 211 6.47 -2.86 -23.52
C ASP A 211 7.29 -2.56 -24.77
N ASP A 212 8.35 -1.77 -24.57
CA ASP A 212 9.26 -1.44 -25.66
C ASP A 212 10.52 -0.82 -25.07
N ASP A 213 11.59 -0.87 -25.87
CA ASP A 213 12.85 -0.26 -25.45
C ASP A 213 12.77 1.27 -25.52
N ASN A 214 12.35 1.80 -26.67
CA ASN A 214 12.16 3.24 -26.81
C ASN A 214 10.86 3.65 -26.15
N VAL A 215 10.86 4.83 -25.52
CA VAL A 215 9.64 5.27 -24.84
C VAL A 215 8.60 5.72 -25.86
N MET A 216 9.03 6.32 -26.97
CA MET A 216 8.07 6.83 -27.95
C MET A 216 7.23 5.71 -28.54
N ALA A 217 7.84 4.56 -28.82
CA ALA A 217 7.06 3.41 -29.27
C ALA A 217 6.16 2.90 -28.16
N LEU A 218 6.71 2.72 -26.95
CA LEU A 218 5.87 2.28 -25.83
C LEU A 218 4.80 3.31 -25.51
N TYR A 219 5.16 4.60 -25.56
CA TYR A 219 4.18 5.68 -25.41
C TYR A 219 3.02 5.51 -26.39
N LYS A 220 3.33 5.16 -27.65
CA LYS A 220 2.30 5.01 -28.66
C LYS A 220 1.50 3.74 -28.48
N LYS A 221 2.17 2.65 -28.07
CA LYS A 221 1.49 1.37 -27.94
C LYS A 221 0.42 1.40 -26.86
N ILE A 222 0.63 2.19 -25.80
CA ILE A 222 -0.35 2.26 -24.71
C ILE A 222 -1.64 2.89 -25.21
N MET A 223 -1.53 3.92 -26.06
CA MET A 223 -2.72 4.62 -26.54
C MET A 223 -3.42 3.87 -27.67
N ARG A 224 -2.70 3.04 -28.40
CA ARG A 224 -3.36 2.17 -29.38
C ARG A 224 -4.23 1.14 -28.68
N GLY A 225 -3.76 0.58 -27.57
CA GLY A 225 -4.52 -0.37 -26.79
C GLY A 225 -4.42 -1.81 -27.23
N LYS A 226 -3.54 -2.14 -28.17
CA LYS A 226 -3.41 -3.48 -28.71
C LYS A 226 -2.32 -4.23 -27.94
N TYR A 227 -2.70 -5.33 -27.29
CA TYR A 227 -1.75 -6.20 -26.63
C TYR A 227 -1.95 -7.62 -27.13
N ASP A 228 -0.86 -8.38 -27.17
CA ASP A 228 -0.96 -9.80 -27.52
C ASP A 228 -1.51 -10.57 -26.33
N VAL A 229 -2.32 -11.58 -26.61
CA VAL A 229 -2.94 -12.41 -25.58
C VAL A 229 -2.29 -13.79 -25.62
N PRO A 230 -1.66 -14.23 -24.54
CA PRO A 230 -1.14 -15.61 -24.50
C PRO A 230 -2.24 -16.64 -24.66
N LYS A 231 -1.82 -17.83 -25.08
CA LYS A 231 -2.78 -18.92 -25.28
C LYS A 231 -3.33 -19.47 -23.97
N TRP A 232 -2.67 -19.22 -22.85
CA TRP A 232 -3.05 -19.86 -21.59
C TRP A 232 -4.09 -19.09 -20.79
N LEU A 233 -4.33 -17.81 -21.12
CA LEU A 233 -5.36 -17.05 -20.43
C LEU A 233 -6.75 -17.55 -20.83
N SER A 234 -7.62 -17.71 -19.82
CA SER A 234 -8.92 -18.33 -20.01
C SER A 234 -9.95 -17.35 -20.56
N PRO A 235 -11.07 -17.86 -21.09
CA PRO A 235 -12.14 -16.96 -21.53
C PRO A 235 -12.64 -16.00 -20.45
N SER A 236 -12.75 -16.46 -19.21
CA SER A 236 -13.13 -15.56 -18.12
C SER A 236 -12.05 -14.51 -17.86
N SER A 237 -10.79 -14.80 -18.22
CA SER A 237 -9.68 -13.88 -17.99
C SER A 237 -9.54 -12.83 -19.09
N ILE A 238 -9.76 -13.22 -20.36
CA ILE A 238 -9.44 -12.32 -21.47
C ILE A 238 -10.40 -11.14 -21.52
N LEU A 239 -11.66 -11.33 -21.12
CA LEU A 239 -12.63 -10.25 -21.28
C LEU A 239 -12.58 -9.27 -20.12
N LEU A 240 -12.16 -9.71 -18.94
CA LEU A 240 -11.96 -8.76 -17.84
C LEU A 240 -10.82 -7.82 -18.16
N LEU A 241 -9.75 -8.32 -18.79
CA LEU A 241 -8.65 -7.45 -19.19
C LEU A 241 -9.11 -6.41 -20.21
N GLN A 242 -9.99 -6.81 -21.14
CA GLN A 242 -10.54 -5.86 -22.09
C GLN A 242 -11.43 -4.83 -21.40
N GLN A 243 -12.07 -5.22 -20.29
CA GLN A 243 -12.88 -4.27 -19.53
C GLN A 243 -12.02 -3.32 -18.71
N MET A 244 -10.91 -3.81 -18.16
CA MET A 244 -10.06 -2.96 -17.33
C MET A 244 -9.15 -2.07 -18.15
N LEU A 245 -8.69 -2.53 -19.31
CA LEU A 245 -7.74 -1.79 -20.14
C LEU A 245 -8.41 -1.15 -21.34
N GLN A 246 -9.64 -0.67 -21.17
CA GLN A 246 -10.23 0.22 -22.15
C GLN A 246 -9.42 1.51 -22.20
N VAL A 247 -9.05 1.91 -23.42
CA VAL A 247 -8.28 3.14 -23.59
C VAL A 247 -9.11 4.35 -23.17
N ASP A 248 -10.39 4.38 -23.51
CA ASP A 248 -11.26 5.49 -23.13
C ASP A 248 -11.77 5.27 -21.70
N PRO A 249 -11.63 6.27 -20.81
CA PRO A 249 -12.02 6.04 -19.41
C PRO A 249 -13.52 5.79 -19.24
N LYS A 250 -14.36 6.39 -20.07
CA LYS A 250 -15.81 6.24 -19.93
C LYS A 250 -16.22 4.77 -20.03
N LYS A 251 -15.56 4.01 -20.89
CA LYS A 251 -15.87 2.59 -21.06
C LYS A 251 -15.15 1.70 -20.07
N ARG A 252 -14.20 2.24 -19.30
CA ARG A 252 -13.48 1.41 -18.35
C ARG A 252 -14.41 0.92 -17.24
N ILE A 253 -14.17 -0.31 -16.80
CA ILE A 253 -14.98 -0.91 -15.75
C ILE A 253 -14.85 -0.07 -14.48
N SER A 254 -15.97 0.11 -13.79
CA SER A 254 -15.98 0.84 -12.53
C SER A 254 -15.59 -0.07 -11.38
N MET A 255 -15.10 0.53 -10.31
CA MET A 255 -14.76 -0.25 -9.11
C MET A 255 -15.99 -0.99 -8.59
N LYS A 256 -17.16 -0.34 -8.63
CA LYS A 256 -18.38 -0.97 -8.13
C LYS A 256 -18.68 -2.26 -8.87
N ASN A 257 -18.62 -2.23 -10.20
CA ASN A 257 -18.87 -3.43 -10.98
C ASN A 257 -17.72 -4.43 -10.91
N LEU A 258 -16.53 -3.97 -10.54
CA LEU A 258 -15.39 -4.88 -10.42
C LEU A 258 -15.40 -5.63 -9.09
N LEU A 259 -15.99 -5.03 -8.04
CA LEU A 259 -16.04 -5.69 -6.74
C LEU A 259 -16.81 -7.01 -6.79
N ASN A 260 -17.79 -7.12 -7.68
CA ASN A 260 -18.55 -8.35 -7.82
C ASN A 260 -18.52 -8.86 -9.25
N HIS A 261 -17.40 -8.65 -9.93
CA HIS A 261 -17.26 -9.14 -11.30
C HIS A 261 -17.28 -10.66 -11.30
N PRO A 262 -17.87 -11.27 -12.33
CA PRO A 262 -17.88 -12.75 -12.40
C PRO A 262 -16.51 -13.37 -12.25
N TRP A 263 -15.47 -12.78 -12.84
CA TRP A 263 -14.13 -13.31 -12.68
C TRP A 263 -13.64 -13.13 -11.25
N ILE A 264 -13.94 -11.97 -10.64
CA ILE A 264 -13.56 -11.73 -9.26
C ILE A 264 -14.23 -12.72 -8.32
N MET A 265 -15.44 -13.18 -8.66
CA MET A 265 -16.19 -14.09 -7.82
C MET A 265 -16.08 -15.55 -8.27
N GLN A 266 -15.26 -15.84 -9.26
CA GLN A 266 -14.90 -17.23 -9.50
C GLN A 266 -14.01 -17.71 -8.36
N ASP A 267 -14.01 -19.04 -8.15
CA ASP A 267 -13.23 -19.67 -7.10
C ASP A 267 -13.75 -19.31 -5.70
N TYR A 268 -14.02 -18.04 -5.45
CA TYR A 268 -14.57 -17.57 -4.18
C TYR A 268 -15.75 -16.65 -4.49
N ASN A 269 -16.97 -17.15 -4.29
CA ASN A 269 -18.17 -16.58 -4.90
C ASN A 269 -18.72 -15.37 -4.16
N TYR A 270 -17.91 -14.64 -3.38
CA TYR A 270 -18.50 -13.51 -2.68
C TYR A 270 -17.84 -12.20 -3.16
N PRO A 271 -18.56 -11.08 -3.11
CA PRO A 271 -17.95 -9.80 -3.51
C PRO A 271 -16.77 -9.47 -2.62
N VAL A 272 -15.86 -8.66 -3.16
CA VAL A 272 -14.65 -8.29 -2.44
C VAL A 272 -15.03 -7.48 -1.20
N GLU A 273 -14.54 -7.93 -0.04
CA GLU A 273 -14.70 -7.18 1.20
C GLU A 273 -13.63 -6.10 1.22
N TRP A 274 -14.03 -4.85 0.98
CA TRP A 274 -13.11 -3.72 0.94
C TRP A 274 -13.20 -2.79 2.15
N GLN A 275 -14.34 -2.77 2.85
CA GLN A 275 -14.48 -1.89 4.00
C GLN A 275 -13.44 -2.25 5.06
N SER A 276 -12.79 -1.24 5.61
CA SER A 276 -11.68 -1.46 6.52
C SER A 276 -12.14 -2.01 7.86
N LYS A 277 -11.28 -2.81 8.49
CA LYS A 277 -11.49 -3.29 9.84
C LYS A 277 -10.64 -2.54 10.86
N ASN A 278 -10.12 -1.37 10.51
CA ASN A 278 -9.26 -0.58 11.39
C ASN A 278 -9.62 0.90 11.30
N PRO A 279 -10.56 1.36 12.11
CA PRO A 279 -10.94 2.78 12.12
C PRO A 279 -10.02 3.63 13.00
N PHE A 280 -10.29 4.94 12.99
CA PHE A 280 -9.71 5.92 13.92
C PHE A 280 -10.62 6.22 15.10
N ILE A 281 -11.94 6.18 14.87
CA ILE A 281 -12.89 6.82 15.77
C ILE A 281 -12.78 6.25 17.19
N HIS A 282 -13.04 4.95 17.32
CA HIS A 282 -13.07 4.31 18.63
C HIS A 282 -11.73 3.64 18.91
N LEU A 283 -11.14 3.98 20.04
CA LEU A 283 -9.87 3.41 20.47
C LEU A 283 -10.11 2.11 21.23
N ASP A 284 -9.11 1.22 21.19
CA ASP A 284 -9.19 -0.05 21.90
C ASP A 284 -9.05 0.20 23.40
N ASP A 285 -9.96 -0.40 24.18
CA ASP A 285 -9.95 -0.20 25.62
C ASP A 285 -8.66 -0.73 26.26
N ASP A 286 -8.36 -2.02 26.06
CA ASP A 286 -7.20 -2.63 26.70
C ASP A 286 -5.91 -1.92 26.34
N CYS A 287 -5.82 -1.42 25.10
CA CYS A 287 -4.68 -0.61 24.69
C CYS A 287 -4.63 0.71 25.45
N VAL A 288 -5.78 1.33 25.65
CA VAL A 288 -5.79 2.62 26.33
C VAL A 288 -5.48 2.46 27.81
N THR A 289 -6.08 1.48 28.46
CA THR A 289 -5.79 1.26 29.88
C THR A 289 -4.30 0.98 30.09
N GLU A 290 -3.70 0.17 29.22
CA GLU A 290 -2.29 -0.15 29.37
C GLU A 290 -1.41 1.08 29.13
N LEU A 291 -1.79 1.92 28.19
CA LEU A 291 -1.06 3.16 27.97
C LEU A 291 -1.21 4.09 29.18
N SER A 292 -2.32 4.01 29.89
CA SER A 292 -2.54 4.88 31.04
C SER A 292 -1.66 4.48 32.21
N VAL A 293 -1.54 3.18 32.49
CA VAL A 293 -0.74 2.77 33.65
C VAL A 293 0.74 3.06 33.42
N HIS A 294 1.19 3.04 32.16
CA HIS A 294 2.60 3.31 31.87
C HIS A 294 2.90 4.80 31.92
N HIS A 295 2.03 5.61 31.32
CA HIS A 295 2.19 7.06 31.38
C HIS A 295 1.64 7.65 32.67
N ARG A 296 1.01 6.84 33.53
CA ARG A 296 0.47 7.27 34.82
C ARG A 296 -0.51 8.44 34.63
N ASN A 297 -1.48 8.24 33.74
CA ASN A 297 -2.55 9.20 33.50
C ASN A 297 -3.88 8.51 33.67
N ASN A 298 -4.93 9.28 33.86
CA ASN A 298 -6.26 8.71 33.86
C ASN A 298 -6.68 8.43 32.41
N ARG A 299 -7.85 7.80 32.25
CA ARG A 299 -8.21 7.24 30.96
C ARG A 299 -8.56 8.31 29.94
N GLN A 300 -9.54 9.15 30.27
CA GLN A 300 -10.00 10.14 29.30
C GLN A 300 -8.87 11.07 28.87
N THR A 301 -7.96 11.40 29.80
CA THR A 301 -6.81 12.24 29.44
C THR A 301 -5.97 11.60 28.35
N MET A 302 -5.75 10.29 28.45
CA MET A 302 -4.93 9.59 27.47
C MET A 302 -5.68 9.43 26.15
N GLU A 303 -6.98 9.17 26.21
CA GLU A 303 -7.81 9.11 25.01
C GLU A 303 -7.80 10.43 24.27
N ASP A 304 -7.84 11.54 25.00
CA ASP A 304 -7.74 12.85 24.35
C ASP A 304 -6.40 13.03 23.65
N LEU A 305 -5.32 12.53 24.25
CA LEU A 305 -4.02 12.64 23.59
C LEU A 305 -3.88 11.64 22.45
N ILE A 306 -4.49 10.45 22.56
CA ILE A 306 -4.49 9.52 21.44
C ILE A 306 -5.35 10.05 20.30
N SER A 307 -6.48 10.67 20.62
CA SER A 307 -7.38 11.18 19.58
C SER A 307 -6.75 12.27 18.73
N LEU A 308 -5.68 12.90 19.19
CA LEU A 308 -5.04 13.94 18.40
C LEU A 308 -4.33 13.36 17.19
N TRP A 309 -3.89 12.10 17.27
CA TRP A 309 -3.32 11.38 16.13
C TRP A 309 -2.16 12.15 15.49
N GLN A 310 -1.29 12.71 16.34
CA GLN A 310 -0.17 13.49 15.83
C GLN A 310 0.88 12.64 15.12
N TYR A 311 0.77 11.32 15.16
CA TYR A 311 1.76 10.41 14.59
C TYR A 311 3.15 10.69 15.17
N ASP A 312 3.17 11.00 16.46
CA ASP A 312 4.38 11.02 17.25
C ASP A 312 4.61 9.62 17.82
N HIS A 313 5.30 9.53 18.96
CA HIS A 313 5.59 8.23 19.54
C HIS A 313 4.37 7.63 20.24
N LEU A 314 3.41 8.45 20.65
CA LEU A 314 2.20 7.90 21.26
C LEU A 314 1.32 7.19 20.23
N THR A 315 1.15 7.81 19.05
CA THR A 315 0.42 7.14 17.98
C THR A 315 1.09 5.82 17.60
N ALA A 316 2.42 5.82 17.54
CA ALA A 316 3.15 4.59 17.20
C ALA A 316 2.95 3.53 18.26
N THR A 317 3.09 3.92 19.53
CA THR A 317 2.89 2.99 20.63
C THR A 317 1.48 2.44 20.65
N TYR A 318 0.49 3.31 20.45
CA TYR A 318 -0.90 2.85 20.45
C TYR A 318 -1.14 1.89 19.29
N LEU A 319 -0.67 2.25 18.10
CA LEU A 319 -0.92 1.42 16.91
C LEU A 319 -0.22 0.07 17.02
N LEU A 320 1.03 0.06 17.49
CA LEU A 320 1.76 -1.19 17.65
C LEU A 320 1.26 -1.98 18.85
N LEU A 321 0.77 -1.31 19.89
CA LEU A 321 0.11 -2.03 20.97
C LEU A 321 -1.21 -2.61 20.49
N LEU A 322 -1.89 -1.92 19.59
CA LEU A 322 -3.11 -2.46 19.00
C LEU A 322 -2.81 -3.72 18.22
N ALA A 323 -1.83 -3.65 17.32
CA ALA A 323 -1.43 -4.83 16.55
C ALA A 323 -0.99 -5.96 17.47
N LYS A 324 -0.28 -5.64 18.55
CA LYS A 324 0.20 -6.64 19.49
C LYS A 324 -0.96 -7.46 20.06
N LYS A 325 -2.09 -6.82 20.33
CA LYS A 325 -3.25 -7.56 20.82
C LYS A 325 -3.85 -8.44 19.73
N ALA A 326 -3.95 -7.91 18.50
CA ALA A 326 -4.53 -8.67 17.41
C ALA A 326 -3.81 -10.01 17.22
N ARG A 327 -2.49 -10.02 17.43
CA ARG A 327 -1.74 -11.25 17.37
C ARG A 327 -2.24 -12.19 18.46
N GLY A 328 -2.11 -11.77 19.72
CA GLY A 328 -2.57 -12.56 20.83
C GLY A 328 -1.70 -12.32 22.05
N LYS A 329 -0.69 -11.49 21.88
CA LYS A 329 0.25 -11.18 22.94
C LYS A 329 -0.44 -10.32 24.00
N PRO A 330 0.09 -10.31 25.23
CA PRO A 330 -0.48 -9.44 26.25
C PRO A 330 -0.26 -7.98 25.90
N VAL A 331 -1.29 -7.18 26.16
CA VAL A 331 -1.16 -5.74 25.96
C VAL A 331 -0.32 -5.17 27.09
N ARG A 332 0.99 -5.26 26.95
CA ARG A 332 1.91 -4.78 27.97
C ARG A 332 3.07 -4.05 27.32
N LEU A 333 3.55 -3.00 27.98
CA LEU A 333 4.72 -2.25 27.57
C LEU A 333 5.89 -2.64 28.46
N ARG A 334 7.00 -3.06 27.85
CA ARG A 334 8.18 -3.54 28.55
C ARG A 334 8.82 -2.47 29.44
C1 45R B . 11.53 -2.91 1.65
O2 45R B . 11.01 -3.34 2.90
C3 45R B . 9.86 -2.79 3.40
C4 45R B . 9.33 -1.62 2.85
C5 45R B . 8.17 -1.07 3.37
C6 45R B . 7.52 -1.69 4.45
C7 45R B . 8.01 -2.86 5.03
C8 45R B . 9.16 -3.43 4.53
C9 45R B . 9.73 -4.70 5.13
O10 45R B . 9.13 -5.30 6.00
N11 45R B . 10.93 -5.08 4.69
C12 45R B . 11.34 -6.37 4.57
C13 45R B . 11.39 -6.92 3.29
C14 45R B . 11.82 -8.22 3.07
C15 45R B . 12.22 -9.00 4.15
C16 45R B . 12.69 -10.43 3.90
C17 45R B . 14.14 -10.58 4.33
N18 45R B . 14.21 -10.81 5.78
C19 45R B . 14.06 -9.56 6.54
C20 45R B . 12.58 -9.22 6.71
C21 45R B . 12.16 -8.42 5.52
C22 45R B . 11.72 -7.11 5.68
C23 45R B . 7.60 0.18 2.80
C24 45R B . 6.40 0.78 3.15
N25 45R B . 6.24 1.89 2.40
N26 45R B . 7.36 2.01 1.57
C27 45R B . 8.18 0.96 1.81
#